data_5KSC
#
_entry.id   5KSC
#
_cell.length_a   73.296
_cell.length_b   73.296
_cell.length_c   99.093
_cell.angle_alpha   90.00
_cell.angle_beta   90.00
_cell.angle_gamma   120.00
#
_symmetry.space_group_name_H-M   'P 32 2 1'
#
loop_
_entity.id
_entity.type
_entity.pdbx_description
1 polymer 'Beta-lactamase Toho-1'
2 non-polymer '2-({[(1Z)-1-(2-amino-1,3-thiazol-4-yl)-2-oxo-2-{[(2S,3S)-1-oxo-3-(sulfoamino)butan-2-yl]amino}ethylidene]amino}oxy)-2-methylpropanoic acid'
3 water water
#
_entity_poly.entity_id   1
_entity_poly.type   'polypeptide(L)'
_entity_poly.pdbx_seq_one_letter_code
;NSVQQQLEALEKSSGGRLGVALINTADNSQILYRADERFAMCSTSKVMAAAAVLKQSESDKHLLNQRVEIKKSDLVNYNP
IAEKHVNGTMTLAELGAAALQYSDNTAMNKLIAHLGGPDKVTAFARSLGDETFRLDRTAPTLNTAIPGDPRDTTTPLAMA
QTLKNLTLGKALAETQRAQLVTWLKGNTTGSASIRAGLPKSWVVGDKTGSGDYGTTNDIAVIWPENHAPLVLVTYFTQPE
QKAENRNDILAAAAKIVTHGF
;
_entity_poly.pdbx_strand_id   A
#
loop_
_chem_comp.id
_chem_comp.type
_chem_comp.name
_chem_comp.formula
AZR non-polymer '2-({[(1Z)-1-(2-amino-1,3-thiazol-4-yl)-2-oxo-2-{[(2S,3S)-1-oxo-3-(sulfoamino)butan-2-yl]amino}ethylidene]amino}oxy)-2-methylpropanoic acid' 'C13 H19 N5 O8 S2'
#
# COMPACT_ATOMS: atom_id res chain seq x y z
N ASN A 1 18.55 14.36 19.03
CA ASN A 1 18.09 15.37 18.09
C ASN A 1 16.59 15.23 17.80
N SER A 2 16.05 16.17 17.03
CA SER A 2 14.64 16.15 16.67
C SER A 2 14.34 15.01 15.71
N VAL A 3 13.06 14.76 15.45
CA VAL A 3 12.64 13.72 14.52
C VAL A 3 13.06 14.07 13.10
N GLN A 4 12.95 15.35 12.75
CA GLN A 4 13.25 15.81 11.40
C GLN A 4 14.70 15.55 11.01
N GLN A 5 15.63 15.99 11.85
CA GLN A 5 17.06 15.88 11.54
C GLN A 5 17.51 14.42 11.34
N GLN A 6 16.98 13.52 12.15
CA GLN A 6 17.35 12.10 12.07
C GLN A 6 16.97 11.51 10.71
N LEU A 7 15.83 11.93 10.18
CA LEU A 7 15.38 11.48 8.87
C LEU A 7 16.26 12.03 7.76
N GLU A 8 16.67 13.28 7.90
CA GLU A 8 17.55 13.91 6.93
C GLU A 8 18.89 13.19 6.89
N ALA A 9 19.38 12.82 8.07
CA ALA A 9 20.66 12.11 8.17
C ALA A 9 20.54 10.71 7.60
N LEU A 10 19.41 10.07 7.87
CA LEU A 10 19.13 8.73 7.34
C LEU A 10 19.06 8.77 5.82
N GLU A 11 18.45 9.82 5.28
CA GLU A 11 18.30 9.97 3.84
C GLU A 11 19.65 10.24 3.19
N LYS A 12 20.40 11.18 3.76
CA LYS A 12 21.66 11.63 3.18
C LYS A 12 22.68 10.49 3.13
N SER A 13 22.58 9.56 4.07
CA SER A 13 23.52 8.45 4.15
C SER A 13 23.05 7.26 3.30
N SER A 14 21.74 7.15 3.09
CA SER A 14 21.17 6.06 2.30
C SER A 14 21.42 6.26 0.81
N GLY A 15 21.65 7.50 0.40
CA GLY A 15 21.86 7.81 -1.00
C GLY A 15 20.58 7.63 -1.80
N GLY A 16 19.50 8.28 -1.37
CA GLY A 16 18.23 8.18 -2.04
C GLY A 16 17.28 9.27 -1.58
N ARG A 17 16.01 9.10 -1.93
CA ARG A 17 14.97 10.07 -1.59
C ARG A 17 13.92 9.41 -0.70
N LEU A 18 13.78 9.93 0.51
CA LEU A 18 12.92 9.33 1.53
C LEU A 18 11.68 10.17 1.78
N GLY A 19 10.51 9.53 1.72
CA GLY A 19 9.24 10.17 2.01
C GLY A 19 8.57 9.55 3.22
N VAL A 20 8.04 10.38 4.10
CA VAL A 20 7.38 9.90 5.32
C VAL A 20 6.18 10.76 5.66
N ALA A 21 5.09 10.11 6.06
CA ALA A 21 3.92 10.79 6.59
C ALA A 21 3.25 9.93 7.67
N LEU A 22 3.30 10.40 8.91
CA LEU A 22 2.66 9.70 10.03
C LEU A 22 1.48 10.53 10.56
N ILE A 23 0.38 9.85 10.87
CA ILE A 23 -0.79 10.50 11.44
C ILE A 23 -1.16 9.85 12.77
N ASN A 24 -1.09 10.63 13.85
CA ASN A 24 -1.55 10.18 15.15
C ASN A 24 -3.01 10.57 15.33
N THR A 25 -3.89 9.58 15.21
CA THR A 25 -5.33 9.82 15.25
C THR A 25 -5.80 10.33 16.62
N ALA A 26 -4.91 10.27 17.61
CA ALA A 26 -5.20 10.77 18.95
C ALA A 26 -5.49 12.27 18.94
N ASP A 27 -4.60 13.04 18.31
CA ASP A 27 -4.73 14.49 18.24
C ASP A 27 -4.63 14.99 16.80
N ASN A 28 -4.72 14.07 15.85
CA ASN A 28 -4.59 14.39 14.43
C ASN A 28 -3.30 15.14 14.11
N SER A 29 -2.28 14.95 14.94
CA SER A 29 -0.98 15.56 14.71
C SER A 29 -0.28 14.85 13.57
N GLN A 30 0.79 15.44 13.05
CA GLN A 30 1.44 14.92 11.86
C GLN A 30 2.96 15.09 11.90
N ILE A 31 3.66 14.02 11.50
CA ILE A 31 5.10 14.07 11.28
C ILE A 31 5.37 13.89 9.80
N LEU A 32 5.82 14.95 9.15
CA LEU A 32 5.96 14.97 7.70
C LEU A 32 7.42 15.10 7.26
N TYR A 33 7.72 14.52 6.11
CA TYR A 33 9.03 14.62 5.49
C TYR A 33 8.91 14.31 4.00
N ARG A 34 8.95 15.36 3.18
CA ARG A 34 8.73 15.22 1.74
C ARG A 34 7.39 14.57 1.48
N ALA A 35 6.40 14.93 2.29
CA ALA A 35 5.09 14.29 2.26
C ALA A 35 4.19 14.90 1.19
N ASP A 36 4.67 15.94 0.52
CA ASP A 36 3.95 16.57 -0.58
C ASP A 36 4.64 16.29 -1.91
N GLU A 37 5.55 15.33 -1.91
CA GLU A 37 6.31 14.97 -3.11
C GLU A 37 5.84 13.65 -3.66
N ARG A 38 5.87 13.51 -4.99
CA ARG A 38 5.36 12.33 -5.65
C ARG A 38 6.39 11.19 -5.67
N PHE A 39 5.93 10.02 -5.24
CA PHE A 39 6.72 8.79 -5.30
C PHE A 39 5.96 7.76 -6.11
N ALA A 40 6.67 6.75 -6.59
CA ALA A 40 6.02 5.63 -7.27
C ALA A 40 5.48 4.64 -6.24
N MET A 41 4.17 4.40 -6.29
CA MET A 41 3.49 3.58 -5.30
C MET A 41 3.92 2.11 -5.37
N CYS A 42 4.26 1.65 -6.56
CA CYS A 42 4.52 0.24 -6.81
C CYS A 42 3.29 -0.60 -6.42
N SER A 43 3.50 -1.65 -5.63
CA SER A 43 2.41 -2.56 -5.29
C SER A 43 1.61 -2.12 -4.06
N THR A 44 1.84 -0.91 -3.58
CA THR A 44 1.04 -0.37 -2.47
C THR A 44 -0.29 0.15 -3.00
N SER A 45 -0.36 0.40 -4.31
CA SER A 45 -1.59 0.86 -4.95
C SER A 45 -2.68 -0.20 -4.92
N LYS A 46 -2.32 -1.45 -4.59
CA LYS A 46 -3.26 -2.57 -4.55
C LYS A 46 -4.29 -2.40 -3.45
N VAL A 47 -4.03 -1.63 -2.49
CA VAL A 47 -5.01 -1.36 -1.44
C VAL A 47 -6.20 -0.60 -2.00
N MET A 48 -5.94 0.27 -2.97
CA MET A 48 -6.98 1.06 -3.60
C MET A 48 -7.90 0.18 -4.45
N ALA A 49 -7.29 -0.65 -5.30
CA ALA A 49 -8.04 -1.49 -6.23
C ALA A 49 -8.94 -2.46 -5.49
N ALA A 50 -8.44 -3.02 -4.39
CA ALA A 50 -9.23 -3.92 -3.57
C ALA A 50 -10.35 -3.16 -2.85
N ALA A 51 -10.01 -1.97 -2.36
CA ALA A 51 -11.01 -1.13 -1.68
C ALA A 51 -12.11 -0.72 -2.64
N ALA A 52 -11.76 -0.54 -3.91
CA ALA A 52 -12.74 -0.19 -4.94
C ALA A 52 -13.72 -1.33 -5.14
N VAL A 53 -13.21 -2.56 -5.11
CA VAL A 53 -14.04 -3.75 -5.24
C VAL A 53 -14.91 -3.94 -4.01
N LEU A 54 -14.37 -3.61 -2.84
CA LEU A 54 -15.14 -3.71 -1.60
C LEU A 54 -16.30 -2.73 -1.61
N LYS A 55 -16.09 -1.54 -2.18
CA LYS A 55 -17.13 -0.52 -2.24
C LYS A 55 -18.28 -0.96 -3.13
N GLN A 56 -17.98 -1.73 -4.17
CA GLN A 56 -19.02 -2.26 -5.05
C GLN A 56 -19.91 -3.25 -4.31
N SER A 57 -19.30 -4.02 -3.41
CA SER A 57 -20.03 -5.07 -2.69
C SER A 57 -21.05 -4.49 -1.71
N GLU A 58 -20.93 -3.20 -1.41
CA GLU A 58 -21.90 -2.54 -0.54
C GLU A 58 -23.27 -2.48 -1.21
N SER A 59 -23.30 -2.59 -2.53
CA SER A 59 -24.54 -2.52 -3.31
C SER A 59 -24.84 -3.83 -4.02
N ASP A 60 -23.95 -4.81 -3.85
CA ASP A 60 -24.14 -6.13 -4.45
C ASP A 60 -23.60 -7.21 -3.51
N LYS A 61 -24.51 -7.94 -2.87
CA LYS A 61 -24.13 -8.92 -1.86
C LYS A 61 -23.70 -10.25 -2.47
N HIS A 62 -23.59 -10.29 -3.79
CA HIS A 62 -23.16 -11.50 -4.49
C HIS A 62 -21.88 -11.26 -5.31
N LEU A 63 -21.24 -10.11 -5.09
CA LEU A 63 -20.09 -9.73 -5.90
C LEU A 63 -18.81 -10.45 -5.48
N LEU A 64 -18.54 -10.49 -4.18
CA LEU A 64 -17.30 -11.06 -3.68
C LEU A 64 -17.24 -12.58 -3.88
N ASN A 65 -18.41 -13.22 -3.96
CA ASN A 65 -18.47 -14.66 -4.17
C ASN A 65 -18.43 -15.04 -5.65
N GLN A 66 -18.39 -14.03 -6.51
CA GLN A 66 -18.33 -14.24 -7.96
C GLN A 66 -17.00 -14.86 -8.38
N ARG A 67 -17.05 -16.01 -9.02
CA ARG A 67 -15.85 -16.70 -9.48
C ARG A 67 -15.14 -15.89 -10.58
N VAL A 68 -13.86 -16.19 -10.78
CA VAL A 68 -13.08 -15.60 -11.87
C VAL A 68 -12.12 -16.63 -12.45
N GLU A 69 -12.15 -16.79 -13.77
CA GLU A 69 -11.32 -17.78 -14.44
C GLU A 69 -9.86 -17.35 -14.51
N ILE A 70 -8.95 -18.25 -14.13
CA ILE A 70 -7.53 -17.97 -14.16
C ILE A 70 -6.85 -18.77 -15.28
N LYS A 71 -6.51 -18.09 -16.37
CA LYS A 71 -5.85 -18.73 -17.50
C LYS A 71 -4.34 -18.73 -17.31
N LYS A 72 -3.66 -19.63 -18.00
CA LYS A 72 -2.20 -19.67 -17.98
C LYS A 72 -1.62 -18.42 -18.64
N SER A 73 -2.39 -17.84 -19.53
CA SER A 73 -1.96 -16.63 -20.25
C SER A 73 -2.04 -15.38 -19.37
N ASP A 74 -2.77 -15.48 -18.25
CA ASP A 74 -2.97 -14.34 -17.36
C ASP A 74 -1.81 -14.16 -16.40
N LEU A 75 -0.95 -15.16 -16.32
CA LEU A 75 0.19 -15.12 -15.39
C LEU A 75 1.26 -14.14 -15.86
N VAL A 76 1.85 -13.42 -14.91
CA VAL A 76 2.86 -12.42 -15.19
C VAL A 76 4.14 -12.73 -14.39
N ASN A 77 4.85 -11.71 -13.94
CA ASN A 77 6.16 -11.89 -13.32
C ASN A 77 6.11 -12.58 -11.95
N TYR A 78 5.18 -12.15 -11.09
CA TYR A 78 5.11 -12.65 -9.73
C TYR A 78 3.67 -12.93 -9.32
N ASN A 79 3.38 -14.19 -8.99
CA ASN A 79 2.03 -14.58 -8.63
C ASN A 79 2.00 -15.96 -7.97
N PRO A 80 2.41 -16.04 -6.71
CA PRO A 80 2.53 -17.32 -5.99
C PRO A 80 1.19 -17.99 -5.71
N ILE A 81 0.11 -17.22 -5.73
CA ILE A 81 -1.22 -17.75 -5.41
C ILE A 81 -1.98 -18.13 -6.67
N ALA A 82 -1.94 -17.27 -7.68
CA ALA A 82 -2.70 -17.49 -8.91
C ALA A 82 -2.14 -18.65 -9.74
N GLU A 83 -0.87 -18.96 -9.55
CA GLU A 83 -0.24 -20.05 -10.30
C GLU A 83 -0.78 -21.41 -9.87
N LYS A 84 -1.39 -21.44 -8.69
CA LYS A 84 -1.93 -22.68 -8.13
C LYS A 84 -3.31 -22.99 -8.69
N HIS A 85 -4.04 -21.97 -9.10
CA HIS A 85 -5.42 -22.12 -9.56
C HIS A 85 -5.56 -21.98 -11.08
N VAL A 86 -4.51 -22.36 -11.81
CA VAL A 86 -4.57 -22.36 -13.27
C VAL A 86 -5.61 -23.37 -13.72
N ASN A 87 -6.36 -23.02 -14.76
CA ASN A 87 -7.47 -23.84 -15.27
C ASN A 87 -8.55 -24.08 -14.21
N GLY A 88 -8.60 -23.19 -13.22
CA GLY A 88 -9.59 -23.25 -12.16
C GLY A 88 -10.25 -21.89 -11.99
N THR A 89 -10.71 -21.60 -10.77
CA THR A 89 -11.34 -20.33 -10.48
C THR A 89 -10.96 -19.79 -9.11
N MET A 90 -11.02 -18.47 -8.96
CA MET A 90 -10.79 -17.81 -7.69
C MET A 90 -11.75 -16.64 -7.54
N THR A 91 -12.48 -16.61 -6.44
CA THR A 91 -13.46 -15.56 -6.19
C THR A 91 -12.76 -14.22 -5.96
N LEU A 92 -13.50 -13.12 -6.09
CA LEU A 92 -12.94 -11.79 -5.90
C LEU A 92 -12.46 -11.60 -4.47
N ALA A 93 -13.12 -12.28 -3.54
CA ALA A 93 -12.69 -12.26 -2.13
C ALA A 93 -11.33 -12.93 -1.96
N GLU A 94 -11.05 -13.91 -2.82
CA GLU A 94 -9.76 -14.58 -2.82
C GLU A 94 -8.73 -13.78 -3.60
N LEU A 95 -9.19 -13.16 -4.68
CA LEU A 95 -8.33 -12.29 -5.48
C LEU A 95 -7.89 -11.09 -4.65
N GLY A 96 -8.83 -10.52 -3.91
CA GLY A 96 -8.53 -9.40 -3.04
C GLY A 96 -7.56 -9.75 -1.95
N ALA A 97 -7.72 -10.94 -1.37
CA ALA A 97 -6.87 -11.38 -0.28
C ALA A 97 -5.45 -11.62 -0.78
N ALA A 98 -5.35 -12.29 -1.92
CA ALA A 98 -4.05 -12.65 -2.49
C ALA A 98 -3.28 -11.40 -2.90
N ALA A 99 -4.01 -10.43 -3.46
CA ALA A 99 -3.40 -9.19 -3.93
C ALA A 99 -2.73 -8.42 -2.80
N LEU A 100 -3.35 -8.42 -1.63
CA LEU A 100 -2.84 -7.64 -0.49
C LEU A 100 -1.89 -8.45 0.38
N GLN A 101 -2.24 -9.70 0.65
CA GLN A 101 -1.46 -10.50 1.60
C GLN A 101 -0.17 -11.06 1.01
N TYR A 102 -0.22 -11.47 -0.25
CA TYR A 102 0.92 -12.10 -0.90
C TYR A 102 1.45 -11.29 -2.08
N SER A 103 0.88 -10.14 -2.31
CA SER A 103 1.30 -9.24 -3.38
C SER A 103 1.28 -9.94 -4.74
N ASP A 104 0.19 -10.71 -5.00
CA ASP A 104 0.01 -11.41 -6.27
C ASP A 104 -0.39 -10.41 -7.37
N ASN A 105 0.44 -10.28 -8.41
CA ASN A 105 0.22 -9.29 -9.45
C ASN A 105 -0.88 -9.68 -10.42
N THR A 106 -1.09 -10.99 -10.60
CA THR A 106 -2.16 -11.45 -11.46
C THR A 106 -3.52 -11.14 -10.84
N ALA A 107 -3.62 -11.38 -9.54
CA ALA A 107 -4.84 -11.08 -8.80
C ALA A 107 -5.16 -9.59 -8.90
N MET A 108 -4.11 -8.78 -8.79
CA MET A 108 -4.24 -7.33 -8.93
C MET A 108 -4.78 -6.97 -10.30
N ASN A 109 -4.31 -7.65 -11.33
CA ASN A 109 -4.74 -7.38 -12.69
C ASN A 109 -6.18 -7.84 -12.94
N LYS A 110 -6.63 -8.81 -12.15
CA LYS A 110 -8.00 -9.31 -12.26
C LYS A 110 -8.98 -8.31 -11.64
N LEU A 111 -8.53 -7.63 -10.59
CA LEU A 111 -9.38 -6.66 -9.91
C LEU A 111 -9.55 -5.43 -10.79
N ILE A 112 -8.49 -5.03 -11.47
CA ILE A 112 -8.53 -3.88 -12.37
C ILE A 112 -9.41 -4.17 -13.58
N ALA A 113 -9.19 -5.35 -14.19
CA ALA A 113 -9.98 -5.77 -15.34
C ALA A 113 -11.47 -5.82 -15.01
N HIS A 114 -11.77 -6.19 -13.76
CA HIS A 114 -13.16 -6.24 -13.31
C HIS A 114 -13.75 -4.84 -13.18
N LEU A 115 -12.96 -3.94 -12.59
CA LEU A 115 -13.42 -2.56 -12.38
C LEU A 115 -13.58 -1.81 -13.70
N GLY A 116 -12.69 -2.10 -14.65
CA GLY A 116 -12.78 -1.52 -15.98
C GLY A 116 -11.58 -0.65 -16.34
N GLY A 117 -10.40 -1.05 -15.89
CA GLY A 117 -9.16 -0.36 -16.21
C GLY A 117 -8.62 0.45 -15.04
N PRO A 118 -7.35 0.88 -15.13
CA PRO A 118 -6.72 1.66 -14.06
C PRO A 118 -7.41 2.99 -13.80
N ASP A 119 -8.08 3.52 -14.82
CA ASP A 119 -8.76 4.81 -14.71
C ASP A 119 -9.93 4.73 -13.74
N LYS A 120 -10.51 3.54 -13.62
CA LYS A 120 -11.64 3.32 -12.71
C LYS A 120 -11.17 3.29 -11.26
N VAL A 121 -9.94 2.82 -11.05
CA VAL A 121 -9.35 2.81 -9.72
C VAL A 121 -9.04 4.24 -9.29
N THR A 122 -8.63 5.07 -10.25
CA THR A 122 -8.32 6.46 -9.98
C THR A 122 -9.60 7.23 -9.66
N ALA A 123 -10.64 6.99 -10.46
CA ALA A 123 -11.92 7.65 -10.23
C ALA A 123 -12.49 7.30 -8.86
N PHE A 124 -12.20 6.09 -8.39
CA PHE A 124 -12.62 5.67 -7.07
C PHE A 124 -11.91 6.47 -5.98
N ALA A 125 -10.62 6.71 -6.18
CA ALA A 125 -9.83 7.50 -5.24
C ALA A 125 -10.37 8.92 -5.14
N ARG A 126 -10.85 9.46 -6.26
CA ARG A 126 -11.40 10.81 -6.30
C ARG A 126 -12.67 10.92 -5.45
N SER A 127 -13.47 9.86 -5.45
CA SER A 127 -14.71 9.84 -4.69
C SER A 127 -14.46 9.93 -3.19
N LEU A 128 -13.24 9.59 -2.76
CA LEU A 128 -12.87 9.64 -1.35
C LEU A 128 -12.19 10.95 -0.98
N GLY A 129 -12.06 11.85 -1.96
CA GLY A 129 -11.45 13.14 -1.73
C GLY A 129 -9.98 13.18 -2.11
N ASP A 130 -9.41 12.03 -2.46
CA ASP A 130 -8.01 11.97 -2.85
C ASP A 130 -7.83 12.53 -4.26
N GLU A 131 -7.25 13.72 -4.34
CA GLU A 131 -7.05 14.41 -5.62
C GLU A 131 -5.65 14.13 -6.17
N THR A 132 -4.86 13.39 -5.39
CA THR A 132 -3.45 13.17 -5.72
C THR A 132 -3.19 11.80 -6.32
N PHE A 133 -3.85 10.78 -5.79
CA PHE A 133 -3.69 9.40 -6.26
C PHE A 133 -4.03 9.27 -7.74
N ARG A 134 -3.17 8.58 -8.49
CA ARG A 134 -3.45 8.24 -9.88
C ARG A 134 -2.83 6.90 -10.25
N LEU A 135 -3.55 6.13 -11.07
CA LEU A 135 -3.09 4.82 -11.53
C LEU A 135 -3.22 4.78 -13.04
N ASP A 136 -2.13 4.47 -13.73
CA ASP A 136 -2.06 4.58 -15.18
C ASP A 136 -1.84 3.23 -15.86
N ARG A 137 -1.27 2.28 -15.13
CA ARG A 137 -0.88 0.99 -15.71
C ARG A 137 -1.26 -0.18 -14.82
N THR A 138 -1.30 -1.36 -15.40
CA THR A 138 -1.49 -2.60 -14.66
C THR A 138 -0.15 -3.10 -14.15
N ALA A 139 -0.15 -4.30 -13.57
CA ALA A 139 1.08 -4.91 -13.09
C ALA A 139 1.71 -5.75 -14.19
N PRO A 140 3.04 -5.88 -14.17
CA PRO A 140 4.00 -5.28 -13.24
C PRO A 140 4.60 -3.97 -13.73
N THR A 141 4.14 -3.50 -14.89
CA THR A 141 4.69 -2.29 -15.49
C THR A 141 4.43 -1.03 -14.66
N LEU A 142 3.56 -1.13 -13.67
CA LEU A 142 3.28 0.00 -12.80
C LEU A 142 4.36 0.19 -11.74
N ASN A 143 5.35 -0.70 -11.75
CA ASN A 143 6.45 -0.65 -10.79
C ASN A 143 7.76 -0.16 -11.39
N THR A 144 7.71 0.44 -12.57
CA THR A 144 8.92 0.95 -13.22
C THR A 144 9.57 2.04 -12.36
N ALA A 145 8.73 2.87 -11.75
CA ALA A 145 9.19 3.81 -10.72
C ALA A 145 10.28 4.75 -11.22
N ILE A 146 10.19 5.12 -12.49
CA ILE A 146 11.18 6.01 -13.10
C ILE A 146 11.13 7.39 -12.45
N PRO A 147 12.31 7.98 -12.17
CA PRO A 147 12.33 9.33 -11.58
C PRO A 147 11.67 10.37 -12.47
N GLY A 148 10.85 11.23 -11.87
CA GLY A 148 10.19 12.31 -12.60
C GLY A 148 8.94 11.85 -13.34
N ASP A 149 8.70 10.54 -13.36
CA ASP A 149 7.54 9.99 -14.04
C ASP A 149 6.31 10.09 -13.12
N PRO A 150 5.27 10.82 -13.55
CA PRO A 150 4.09 10.98 -12.70
C PRO A 150 3.13 9.79 -12.72
N ARG A 151 3.33 8.85 -13.64
CA ARG A 151 2.41 7.72 -13.77
C ARG A 151 2.48 6.78 -12.58
N ASP A 152 1.32 6.39 -12.07
CA ASP A 152 1.22 5.49 -10.93
C ASP A 152 1.91 6.06 -9.69
N THR A 153 1.61 7.33 -9.40
CA THR A 153 2.24 8.03 -8.28
C THR A 153 1.23 8.68 -7.35
N THR A 154 1.69 8.95 -6.12
CA THR A 154 0.94 9.73 -5.15
C THR A 154 1.93 10.23 -4.10
N THR A 155 1.50 11.17 -3.26
CA THR A 155 2.36 11.70 -2.22
C THR A 155 2.13 10.95 -0.92
N PRO A 156 3.15 10.91 -0.04
CA PRO A 156 3.00 10.21 1.23
C PRO A 156 1.81 10.69 2.07
N LEU A 157 1.56 11.99 2.07
CA LEU A 157 0.48 12.56 2.86
C LEU A 157 -0.89 12.14 2.33
N ALA A 158 -1.05 12.14 1.01
CA ALA A 158 -2.34 11.80 0.41
C ALA A 158 -2.74 10.36 0.72
N MET A 159 -1.77 9.45 0.66
CA MET A 159 -2.04 8.04 0.89
C MET A 159 -2.36 7.77 2.36
N ALA A 160 -1.67 8.48 3.25
CA ALA A 160 -1.87 8.28 4.69
C ALA A 160 -3.28 8.68 5.10
N GLN A 161 -3.75 9.80 4.56
CA GLN A 161 -5.10 10.28 4.85
C GLN A 161 -6.15 9.33 4.27
N THR A 162 -5.91 8.88 3.04
CA THR A 162 -6.83 7.97 2.38
C THR A 162 -6.84 6.61 3.09
N LEU A 163 -5.65 6.10 3.40
CA LEU A 163 -5.53 4.83 4.11
C LEU A 163 -6.16 4.92 5.50
N LYS A 164 -6.09 6.11 6.10
CA LYS A 164 -6.74 6.35 7.37
C LYS A 164 -8.25 6.28 7.21
N ASN A 165 -8.77 6.92 6.16
CA ASN A 165 -10.21 6.89 5.88
C ASN A 165 -10.69 5.49 5.56
N LEU A 166 -9.88 4.74 4.83
CA LEU A 166 -10.25 3.39 4.39
C LEU A 166 -10.36 2.40 5.54
N THR A 167 -9.47 2.51 6.51
CA THR A 167 -9.38 1.52 7.58
C THR A 167 -9.97 1.99 8.91
N LEU A 168 -10.07 3.31 9.10
CA LEU A 168 -10.55 3.87 10.36
C LEU A 168 -11.65 4.91 10.18
N GLY A 169 -11.78 5.44 8.97
CA GLY A 169 -12.70 6.54 8.72
C GLY A 169 -13.99 6.18 8.00
N LYS A 170 -14.40 7.05 7.08
CA LYS A 170 -15.75 7.03 6.53
C LYS A 170 -15.79 6.60 5.07
N ALA A 171 -14.71 6.00 4.60
CA ALA A 171 -14.60 5.63 3.20
C ALA A 171 -15.53 4.47 2.86
N LEU A 172 -15.50 3.44 3.71
CA LEU A 172 -16.26 2.21 3.50
C LEU A 172 -17.30 2.00 4.58
N ALA A 173 -18.25 1.11 4.32
CA ALA A 173 -19.19 0.67 5.35
C ALA A 173 -18.44 -0.21 6.32
N GLU A 174 -19.00 -0.42 7.50
CA GLU A 174 -18.31 -1.12 8.57
C GLU A 174 -17.85 -2.53 8.16
N THR A 175 -18.77 -3.31 7.61
CA THR A 175 -18.45 -4.68 7.18
C THR A 175 -17.29 -4.67 6.19
N GLN A 176 -17.36 -3.78 5.22
CA GLN A 176 -16.32 -3.67 4.20
C GLN A 176 -15.03 -3.13 4.81
N ARG A 177 -15.16 -2.25 5.78
CA ARG A 177 -14.01 -1.70 6.47
C ARG A 177 -13.26 -2.80 7.23
N ALA A 178 -14.00 -3.60 7.98
CA ALA A 178 -13.43 -4.66 8.80
C ALA A 178 -12.76 -5.73 7.94
N GLN A 179 -13.24 -5.88 6.71
CA GLN A 179 -12.68 -6.84 5.79
C GLN A 179 -11.31 -6.39 5.26
N LEU A 180 -11.17 -5.10 4.99
CA LEU A 180 -9.92 -4.55 4.50
C LEU A 180 -8.83 -4.62 5.57
N VAL A 181 -9.21 -4.32 6.80
CA VAL A 181 -8.29 -4.38 7.93
C VAL A 181 -7.84 -5.83 8.14
N THR A 182 -8.79 -6.75 8.05
CA THR A 182 -8.50 -8.17 8.19
C THR A 182 -7.45 -8.61 7.18
N TRP A 183 -7.57 -8.10 5.95
CA TRP A 183 -6.63 -8.43 4.89
C TRP A 183 -5.25 -7.85 5.16
N LEU A 184 -5.23 -6.57 5.53
CA LEU A 184 -3.97 -5.87 5.79
C LEU A 184 -3.23 -6.50 6.97
N LYS A 185 -3.99 -6.84 8.01
CA LYS A 185 -3.44 -7.45 9.22
C LYS A 185 -2.76 -8.78 8.91
N GLY A 186 -3.26 -9.49 7.89
CA GLY A 186 -2.75 -10.80 7.54
C GLY A 186 -1.72 -10.77 6.43
N ASN A 187 -1.03 -9.64 6.29
CA ASN A 187 0.01 -9.52 5.28
C ASN A 187 1.25 -10.32 5.67
N THR A 188 1.80 -11.04 4.69
CA THR A 188 2.95 -11.92 4.94
C THR A 188 4.24 -11.41 4.32
N THR A 189 4.22 -10.19 3.79
CA THR A 189 5.34 -9.67 3.00
C THR A 189 6.05 -8.47 3.63
N GLY A 190 5.66 -8.08 4.84
CA GLY A 190 6.17 -6.87 5.47
C GLY A 190 6.82 -7.07 6.82
N SER A 191 7.43 -8.24 7.03
CA SER A 191 8.07 -8.54 8.30
C SER A 191 9.35 -7.73 8.52
N ALA A 192 9.99 -7.33 7.42
CA ALA A 192 11.28 -6.66 7.49
C ALA A 192 11.16 -5.15 7.32
N SER A 193 9.99 -4.68 6.91
CA SER A 193 9.79 -3.26 6.66
C SER A 193 9.42 -2.51 7.95
N ILE A 194 8.22 -1.95 8.00
CA ILE A 194 7.82 -1.09 9.12
C ILE A 194 7.69 -1.85 10.43
N ARG A 195 7.14 -3.06 10.37
CA ARG A 195 6.99 -3.89 11.56
C ARG A 195 8.31 -4.11 12.30
N ALA A 196 9.39 -4.27 11.54
CA ALA A 196 10.70 -4.54 12.13
C ALA A 196 11.19 -3.35 12.95
N GLY A 197 10.59 -2.19 12.72
CA GLY A 197 10.97 -0.97 13.41
C GLY A 197 10.12 -0.69 14.63
N LEU A 198 9.05 -1.46 14.80
CA LEU A 198 8.11 -1.25 15.91
C LEU A 198 8.22 -2.37 16.93
N PRO A 199 7.65 -2.15 18.13
CA PRO A 199 7.53 -3.23 19.12
C PRO A 199 6.76 -4.43 18.56
N LYS A 200 7.23 -5.64 18.87
CA LYS A 200 6.63 -6.85 18.34
C LYS A 200 5.22 -7.06 18.89
N SER A 201 4.90 -6.37 19.98
CA SER A 201 3.59 -6.51 20.62
C SER A 201 2.51 -5.75 19.87
N TRP A 202 2.91 -4.65 19.23
CA TRP A 202 1.97 -3.82 18.49
C TRP A 202 1.35 -4.59 17.34
N VAL A 203 0.06 -4.36 17.11
CA VAL A 203 -0.64 -4.98 15.99
C VAL A 203 -0.50 -4.09 14.76
N VAL A 204 -0.15 -4.70 13.63
CA VAL A 204 0.14 -3.94 12.41
C VAL A 204 -0.46 -4.59 11.18
N GLY A 205 -1.10 -3.78 10.35
CA GLY A 205 -1.62 -4.21 9.06
C GLY A 205 -1.10 -3.30 7.98
N ASP A 206 -0.38 -3.86 7.02
CA ASP A 206 0.35 -3.05 6.04
C ASP A 206 0.32 -3.64 4.63
N LYS A 207 0.87 -2.88 3.70
CA LYS A 207 1.05 -3.33 2.32
C LYS A 207 2.36 -2.79 1.79
N THR A 208 3.25 -3.70 1.38
CA THR A 208 4.55 -3.29 0.87
C THR A 208 4.49 -3.02 -0.62
N GLY A 209 5.63 -2.64 -1.18
CA GLY A 209 5.72 -2.41 -2.61
C GLY A 209 7.16 -2.16 -3.04
N SER A 210 7.65 -2.98 -3.96
CA SER A 210 9.01 -2.86 -4.44
C SER A 210 9.07 -2.82 -5.96
N GLY A 211 9.96 -1.98 -6.50
CA GLY A 211 10.12 -1.86 -7.93
C GLY A 211 11.54 -1.51 -8.33
N ASP A 212 11.71 -1.04 -9.56
CA ASP A 212 13.02 -0.62 -10.04
C ASP A 212 13.46 0.65 -9.34
N TYR A 213 14.67 1.11 -9.66
CA TYR A 213 15.27 2.28 -9.02
C TYR A 213 15.30 2.12 -7.50
N GLY A 214 15.47 0.88 -7.04
CA GLY A 214 15.56 0.58 -5.62
C GLY A 214 14.35 1.08 -4.86
N THR A 215 13.23 1.21 -5.56
CA THR A 215 12.00 1.73 -4.96
C THR A 215 11.47 0.75 -3.94
N THR A 216 11.28 1.23 -2.70
CA THR A 216 10.85 0.38 -1.60
C THR A 216 9.84 1.13 -0.74
N ASN A 217 8.61 0.60 -0.69
CA ASN A 217 7.51 1.27 -0.02
C ASN A 217 6.80 0.39 0.99
N ASP A 218 6.09 1.04 1.90
CA ASP A 218 5.28 0.32 2.86
C ASP A 218 4.31 1.31 3.51
N ILE A 219 3.02 0.99 3.39
CA ILE A 219 1.97 1.76 4.03
C ILE A 219 1.32 0.87 5.08
N ALA A 220 1.08 1.40 6.28
CA ALA A 220 0.63 0.57 7.39
C ALA A 220 -0.27 1.31 8.36
N VAL A 221 -1.20 0.57 8.95
CA VAL A 221 -2.02 1.04 10.06
C VAL A 221 -1.55 0.32 11.32
N ILE A 222 -1.32 1.09 12.38
CA ILE A 222 -0.73 0.57 13.61
C ILE A 222 -1.68 0.74 14.79
N TRP A 223 -1.82 -0.32 15.59
CA TRP A 223 -2.61 -0.28 16.81
C TRP A 223 -1.71 -0.47 18.03
N PRO A 224 -1.40 0.62 18.74
CA PRO A 224 -0.62 0.49 19.98
C PRO A 224 -1.36 -0.31 21.05
N GLU A 225 -0.66 -0.70 22.09
CA GLU A 225 -1.24 -1.53 23.14
C GLU A 225 -2.01 -0.69 24.15
N ASN A 226 -1.64 0.59 24.26
CA ASN A 226 -2.28 1.48 25.23
C ASN A 226 -2.46 2.90 24.69
N HIS A 227 -2.63 3.03 23.38
CA HIS A 227 -2.82 4.33 22.75
C HIS A 227 -3.69 4.21 21.50
N ALA A 228 -4.07 5.36 20.95
CA ALA A 228 -4.89 5.38 19.74
C ALA A 228 -4.05 4.97 18.54
N PRO A 229 -4.71 4.50 17.47
CA PRO A 229 -3.98 3.99 16.31
C PRO A 229 -3.11 5.03 15.63
N LEU A 230 -2.15 4.55 14.85
CA LEU A 230 -1.29 5.41 14.03
C LEU A 230 -1.39 4.98 12.57
N VAL A 231 -1.18 5.93 11.68
CA VAL A 231 -1.13 5.64 10.24
C VAL A 231 0.18 6.15 9.68
N LEU A 232 1.00 5.22 9.18
CA LEU A 232 2.37 5.53 8.75
C LEU A 232 2.61 5.14 7.30
N VAL A 233 3.15 6.09 6.53
CA VAL A 233 3.55 5.85 5.14
C VAL A 233 5.05 6.08 5.04
N THR A 234 5.75 5.13 4.41
CA THR A 234 7.20 5.22 4.26
C THR A 234 7.60 4.87 2.83
N TYR A 235 7.80 5.89 2.01
CA TYR A 235 8.27 5.71 0.65
C TYR A 235 9.76 5.98 0.56
N PHE A 236 10.42 5.27 -0.35
CA PHE A 236 11.87 5.45 -0.57
C PHE A 236 12.26 5.03 -1.98
N THR A 237 13.10 5.84 -2.62
CA THR A 237 13.56 5.56 -3.97
C THR A 237 14.98 6.06 -4.17
N GLN A 238 15.66 5.49 -5.15
CA GLN A 238 17.07 5.79 -5.41
C GLN A 238 17.25 6.22 -6.87
N PRO A 239 18.33 6.96 -7.17
CA PRO A 239 18.50 7.52 -8.51
C PRO A 239 18.91 6.51 -9.58
N GLU A 240 19.59 5.43 -9.21
CA GLU A 240 20.07 4.47 -10.21
C GLU A 240 19.09 3.31 -10.36
N GLN A 241 18.86 2.90 -11.59
CA GLN A 241 17.81 1.92 -11.92
C GLN A 241 17.92 0.60 -11.16
N LYS A 242 19.07 -0.07 -11.28
CA LYS A 242 19.25 -1.38 -10.67
C LYS A 242 19.82 -1.28 -9.26
N ALA A 243 19.25 -0.39 -8.45
CA ALA A 243 19.63 -0.26 -7.05
C ALA A 243 19.02 -1.40 -6.25
N GLU A 244 19.58 -1.67 -5.08
CA GLU A 244 19.02 -2.70 -4.20
C GLU A 244 17.83 -2.14 -3.44
N ASN A 245 16.85 -3.00 -3.16
CA ASN A 245 15.70 -2.60 -2.35
C ASN A 245 16.06 -2.56 -0.87
N ARG A 246 15.83 -1.42 -0.24
CA ARG A 246 16.17 -1.18 1.16
C ARG A 246 14.94 -1.14 2.07
N ASN A 247 14.53 -2.30 2.57
CA ASN A 247 13.46 -2.36 3.57
C ASN A 247 13.99 -1.98 4.95
N ASP A 248 15.29 -2.18 5.16
CA ASP A 248 15.93 -1.81 6.41
C ASP A 248 15.83 -0.32 6.67
N ILE A 249 15.76 0.48 5.59
CA ILE A 249 15.62 1.92 5.71
C ILE A 249 14.21 2.29 6.17
N LEU A 250 13.22 1.55 5.70
CA LEU A 250 11.84 1.78 6.14
C LEU A 250 11.69 1.39 7.60
N ALA A 251 12.40 0.34 8.00
CA ALA A 251 12.40 -0.10 9.39
C ALA A 251 13.02 0.98 10.29
N ALA A 252 14.06 1.62 9.79
CA ALA A 252 14.76 2.67 10.53
C ALA A 252 13.88 3.92 10.67
N ALA A 253 13.20 4.26 9.58
CA ALA A 253 12.35 5.44 9.56
C ALA A 253 11.18 5.31 10.53
N ALA A 254 10.62 4.11 10.62
CA ALA A 254 9.48 3.86 11.50
C ALA A 254 9.88 4.02 12.97
N LYS A 255 11.08 3.56 13.29
CA LYS A 255 11.59 3.61 14.66
C LYS A 255 11.91 5.05 15.08
N ILE A 256 12.24 5.88 14.10
CA ILE A 256 12.59 7.27 14.37
C ILE A 256 11.36 8.12 14.66
N VAL A 257 10.29 7.91 13.90
CA VAL A 257 9.07 8.71 14.03
C VAL A 257 8.19 8.19 15.16
N THR A 258 8.20 6.88 15.37
CA THR A 258 7.40 6.26 16.42
C THR A 258 8.11 6.33 17.78
N HIS A 259 9.25 7.00 17.80
CA HIS A 259 10.03 7.15 19.03
C HIS A 259 9.28 8.03 20.03
N GLY A 260 8.72 7.40 21.06
CA GLY A 260 7.95 8.10 22.07
C GLY A 260 6.59 7.45 22.29
N PHE A 261 6.01 6.92 21.22
CA PHE A 261 4.72 6.24 21.29
C PHE A 261 4.86 4.87 21.93
C7 AZR B . 4.89 -8.23 -6.36
S8 AZR B . 9.94 -3.95 -11.84
O9 AZR B . 5.57 -3.73 -5.99
O10 AZR B . 6.57 -7.36 -8.97
O11 AZR B . 9.38 -7.59 -7.27
N12 AZR B . 4.84 -6.49 -4.71
N13 AZR B . 6.74 -5.66 -7.45
N14 AZR B . 9.65 -6.82 -8.36
N15 AZR B . 7.90 -5.15 -11.39
N16 AZR B . 8.19 -3.70 -13.59
S17 AZR B . 5.63 -6.38 -3.27
C18 AZR B . 5.51 -6.94 -5.87
C19 AZR B . 5.42 -5.89 -6.96
C20 AZR B . 4.85 -4.61 -6.40
C21 AZR B . 7.26 -6.48 -8.49
C22 AZR B . 8.66 -6.25 -9.00
C23 AZR B . 10.29 -8.67 -7.14
C24 AZR B . 8.92 -5.40 -10.22
C25 AZR B . 10.13 -4.67 -10.50
C26 AZR B . 8.52 -4.30 -12.35
C27 AZR B . 9.81 -9.54 -6.00
C28 AZR B . 10.33 -9.50 -8.40
C29 AZR B . 11.67 -8.14 -6.80
O30 AZR B . 12.63 -8.94 -6.69
O31 AZR B . 11.86 -6.91 -6.63
O32 AZR B . 7.02 -5.82 -3.47
O33 AZR B . 4.84 -5.56 -2.28
O34 AZR B . 5.68 -7.72 -2.57
#